data_2WOT
#
_entry.id   2WOT
#
_cell.length_a   41.933
_cell.length_b   78.218
_cell.length_c   89.074
_cell.angle_alpha   90.00
_cell.angle_beta   90.00
_cell.angle_gamma   90.00
#
_symmetry.space_group_name_H-M   'P 21 21 21'
#
loop_
_entity.id
_entity.type
_entity.pdbx_description
1 polymer 'TGF-BETA RECEPTOR TYPE-1'
2 non-polymer "4-[(5,6-DIMETHYL-2,2'-BIPYRIDIN-3-YL)OXY]-N-(3,4,5-TRIMETHOXYPHENYL)PYRIDIN-2-AMINE"
3 non-polymer 1,2-ETHANEDIOL
4 water water
#
_entity_poly.entity_id   1
_entity_poly.type   'polypeptide(L)'
_entity_poly.pdbx_seq_one_letter_code
;GGTIARTIVLQESIGKGRFGEVWRGKWRGEEVAVKIFSSREERSWFREAEIYQTVMLRHENILGFIAADNKDNGTWTQLW
LVSDYHEHGSLFDYLNRYTVTVEGMIKLALSTASGLAHLHMEIVGTQGKPAIAHRDLKSKNILVKKNGTCCIADLGLAVR
HDSATDTIDIAPNHRVGTKRYMAPEVLDDSINMKHFESFKRADIYAMGLVFWEIARRCSIGGIHEDYQLPYYDLVPSDPS
VEEMRKVVCEQKLRPNIPNRWQSCEALRVMAKIMRECWYANGAARLTALRIKKTLSQLSQQEGIKM
;
_entity_poly.pdbx_strand_id   A
#
loop_
_chem_comp.id
_chem_comp.type
_chem_comp.name
_chem_comp.formula
EDO non-polymer 1,2-ETHANEDIOL 'C2 H6 O2'
ZZG non-polymer 4-[(5,6-DIMETHYL-2,2'-BIPYRIDIN-3-YL)OXY]-N-(3,4,5-TRIMETHOXYPHENYL)PYRIDIN-2-AMINE 'C26 H26 N4 O4'
#
# COMPACT_ATOMS: atom_id res chain seq x y z
N GLY A 1 3.03 -3.93 35.94
CA GLY A 1 3.78 -3.33 34.81
C GLY A 1 3.07 -3.49 33.47
N GLY A 2 3.61 -2.85 32.44
CA GLY A 2 3.00 -2.87 31.11
C GLY A 2 2.88 -4.26 30.53
N THR A 3 1.92 -4.44 29.63
CA THR A 3 1.55 -5.77 29.13
C THR A 3 2.02 -6.05 27.69
N ILE A 4 2.67 -5.08 27.05
CA ILE A 4 3.03 -5.19 25.64
C ILE A 4 4.56 -5.26 25.50
N ALA A 5 5.22 -4.11 25.27
CA ALA A 5 6.65 -4.05 24.97
C ALA A 5 7.52 -4.72 26.04
N ARG A 6 7.12 -4.53 27.30
CA ARG A 6 7.83 -5.12 28.44
C ARG A 6 7.95 -6.64 28.34
N THR A 7 6.98 -7.28 27.69
CA THR A 7 6.86 -8.74 27.65
C THR A 7 7.24 -9.36 26.30
N ILE A 8 7.80 -8.56 25.40
CA ILE A 8 8.18 -9.02 24.06
C ILE A 8 9.69 -9.15 23.92
N VAL A 9 10.14 -10.27 23.34
CA VAL A 9 11.54 -10.52 23.07
C VAL A 9 11.81 -10.42 21.56
N LEU A 10 12.71 -9.51 21.17
CA LEU A 10 13.10 -9.34 19.78
C LEU A 10 14.00 -10.49 19.34
N GLN A 11 13.78 -10.98 18.12
CA GLN A 11 14.48 -12.16 17.61
C GLN A 11 15.26 -11.91 16.33
N GLU A 12 14.76 -11.02 15.48
CA GLU A 12 15.27 -10.91 14.11
C GLU A 12 15.02 -9.51 13.54
N SER A 13 16.08 -8.90 13.01
CA SER A 13 15.98 -7.60 12.35
C SER A 13 15.40 -7.77 10.94
N ILE A 14 14.33 -7.02 10.65
CA ILE A 14 13.67 -7.10 9.34
C ILE A 14 14.20 -6.00 8.41
N GLY A 15 14.29 -4.78 8.92
CA GLY A 15 14.91 -3.68 8.18
C GLY A 15 14.33 -2.32 8.48
N LYS A 16 14.96 -1.28 7.93
CA LYS A 16 14.54 0.10 8.12
C LYS A 16 13.55 0.55 7.04
N GLY A 17 12.44 1.13 7.47
CA GLY A 17 11.49 1.75 6.55
C GLY A 17 11.75 3.24 6.45
N ARG A 18 10.69 4.01 6.22
CA ARG A 18 10.78 5.47 6.12
CA ARG A 18 10.78 5.46 6.12
C ARG A 18 11.24 6.07 7.45
N PHE A 19 10.62 5.61 8.54
CA PHE A 19 11.01 5.99 9.90
C PHE A 19 11.06 4.71 10.73
N GLY A 20 11.98 4.67 11.68
CA GLY A 20 12.11 3.53 12.57
C GLY A 20 12.63 2.29 11.88
N GLU A 21 12.44 1.15 12.56
CA GLU A 21 13.03 -0.09 12.14
C GLU A 21 12.15 -1.27 12.56
N VAL A 22 12.00 -2.26 11.66
CA VAL A 22 11.11 -3.39 11.89
C VAL A 22 11.87 -4.63 12.40
N TRP A 23 11.25 -5.33 13.34
CA TRP A 23 11.78 -6.57 13.93
C TRP A 23 10.69 -7.62 14.02
N ARG A 24 11.10 -8.88 14.02
CA ARG A 24 10.24 -9.98 14.44
C ARG A 24 10.50 -10.24 15.91
N GLY A 25 9.44 -10.38 16.68
CA GLY A 25 9.54 -10.65 18.11
C GLY A 25 8.56 -11.72 18.55
N LYS A 26 8.65 -12.10 19.81
CA LYS A 26 7.76 -13.11 20.40
C LYS A 26 6.99 -12.50 21.56
N TRP A 27 5.67 -12.65 21.51
CA TRP A 27 4.75 -12.09 22.51
C TRP A 27 3.74 -13.15 22.96
N ARG A 28 3.75 -13.46 24.25
CA ARG A 28 2.77 -14.38 24.85
C ARG A 28 2.66 -15.69 24.05
N GLY A 29 3.81 -16.23 23.66
CA GLY A 29 3.85 -17.45 22.86
C GLY A 29 3.32 -17.29 21.43
N GLU A 30 3.66 -16.16 20.80
CA GLU A 30 3.26 -15.90 19.41
C GLU A 30 4.20 -14.91 18.72
N GLU A 31 4.48 -15.15 17.44
CA GLU A 31 5.31 -14.23 16.66
C GLU A 31 4.51 -12.97 16.35
N VAL A 32 5.15 -11.82 16.53
CA VAL A 32 4.55 -10.53 16.18
C VAL A 32 5.60 -9.70 15.48
N ALA A 33 5.16 -8.65 14.82
CA ALA A 33 6.06 -7.68 14.19
C ALA A 33 6.14 -6.45 15.07
N VAL A 34 7.34 -5.88 15.19
CA VAL A 34 7.55 -4.68 15.98
C VAL A 34 8.27 -3.64 15.12
N LYS A 35 7.75 -2.41 15.12
CA LYS A 35 8.44 -1.27 14.52
C LYS A 35 8.89 -0.36 15.65
N ILE A 36 10.19 -0.10 15.69
CA ILE A 36 10.80 0.62 16.79
C ILE A 36 11.29 1.98 16.30
N PHE A 37 10.95 3.02 17.07
CA PHE A 37 11.32 4.40 16.77
C PHE A 37 12.15 4.97 17.93
N SER A 38 13.05 5.91 17.63
CA SER A 38 13.76 6.63 18.67
C SER A 38 12.90 7.76 19.23
N SER A 39 13.33 8.33 20.34
CA SER A 39 12.63 9.44 20.99
C SER A 39 12.43 10.64 20.06
N ARG A 40 13.43 10.91 19.21
CA ARG A 40 13.34 12.03 18.27
C ARG A 40 12.43 11.75 17.06
N GLU A 41 11.96 10.50 16.93
CA GLU A 41 11.00 10.13 15.90
C GLU A 41 9.57 10.02 16.46
N GLU A 42 9.30 10.69 17.59
CA GLU A 42 7.99 10.57 18.25
C GLU A 42 6.83 10.99 17.36
N ARG A 43 7.02 12.05 16.57
CA ARG A 43 5.95 12.55 15.69
C ARG A 43 5.49 11.47 14.70
N SER A 44 6.45 10.76 14.09
CA SER A 44 6.11 9.73 13.10
CA SER A 44 6.14 9.73 13.10
C SER A 44 5.52 8.50 13.77
N TRP A 45 6.04 8.14 14.94
CA TRP A 45 5.50 7.03 15.73
C TRP A 45 4.05 7.29 16.11
N PHE A 46 3.79 8.46 16.68
CA PHE A 46 2.44 8.80 17.11
C PHE A 46 1.45 8.84 15.95
N ARG A 47 1.86 9.41 14.83
CA ARG A 47 0.99 9.53 13.67
C ARG A 47 0.58 8.16 13.12
N GLU A 48 1.54 7.25 12.97
CA GLU A 48 1.21 5.90 12.51
C GLU A 48 0.32 5.20 13.53
N ALA A 49 0.65 5.34 14.81
CA ALA A 49 -0.20 4.84 15.90
C ALA A 49 -1.63 5.40 15.80
N GLU A 50 -1.74 6.69 15.55
CA GLU A 50 -3.03 7.36 15.41
C GLU A 50 -3.86 6.78 14.26
N ILE A 51 -3.26 6.65 13.09
CA ILE A 51 -3.96 6.10 11.93
C ILE A 51 -4.46 4.68 12.22
N TYR A 52 -3.60 3.84 12.78
CA TYR A 52 -3.95 2.43 13.03
C TYR A 52 -5.04 2.24 14.09
N GLN A 53 -5.22 3.24 14.96
CA GLN A 53 -6.22 3.18 16.02
C GLN A 53 -7.56 3.80 15.60
N THR A 54 -7.63 4.27 14.34
CA THR A 54 -8.89 4.77 13.79
C THR A 54 -9.99 3.73 13.94
N VAL A 55 -11.15 4.15 14.44
CA VAL A 55 -12.29 3.25 14.61
C VAL A 55 -12.66 2.57 13.29
N MET A 56 -13.03 1.30 13.39
CA MET A 56 -13.50 0.49 12.25
C MET A 56 -12.46 0.22 11.15
N LEU A 57 -11.18 0.45 11.45
CA LEU A 57 -10.12 0.28 10.44
C LEU A 57 -9.83 -1.18 10.11
N ARG A 58 -9.94 -2.07 11.10
CA ARG A 58 -9.54 -3.45 10.90
C ARG A 58 -10.27 -4.09 9.72
N HIS A 59 -9.50 -4.80 8.90
CA HIS A 59 -10.00 -5.40 7.67
C HIS A 59 -8.99 -6.48 7.30
N GLU A 60 -9.45 -7.58 6.70
CA GLU A 60 -8.52 -8.67 6.39
C GLU A 60 -7.37 -8.22 5.46
N ASN A 61 -7.56 -7.14 4.70
CA ASN A 61 -6.54 -6.64 3.79
C ASN A 61 -5.87 -5.33 4.24
N ILE A 62 -5.91 -5.08 5.55
CA ILE A 62 -5.12 -4.02 6.19
C ILE A 62 -4.35 -4.71 7.33
N LEU A 63 -3.06 -4.38 7.46
CA LEU A 63 -2.22 -4.95 8.53
C LEU A 63 -2.93 -4.84 9.88
N GLY A 64 -3.02 -5.97 10.58
CA GLY A 64 -3.66 -6.04 11.89
C GLY A 64 -2.79 -5.44 12.98
N PHE A 65 -3.28 -4.34 13.55
CA PHE A 65 -2.53 -3.57 14.53
C PHE A 65 -2.83 -4.07 15.93
N ILE A 66 -1.78 -4.27 16.73
CA ILE A 66 -1.96 -4.70 18.12
C ILE A 66 -1.89 -3.53 19.08
N ALA A 67 -0.76 -2.81 19.11
CA ALA A 67 -0.59 -1.76 20.12
C ALA A 67 0.55 -0.79 19.83
N ALA A 68 0.43 0.39 20.44
CA ALA A 68 1.52 1.35 20.57
C ALA A 68 1.96 1.33 22.03
N ASP A 69 3.26 1.45 22.26
CA ASP A 69 3.82 1.37 23.60
C ASP A 69 5.20 2.00 23.62
N ASN A 70 5.83 2.07 24.79
CA ASN A 70 7.26 2.38 24.88
C ASN A 70 7.99 1.39 25.76
N LYS A 71 9.31 1.32 25.60
CA LYS A 71 10.14 0.40 26.36
C LYS A 71 11.44 1.10 26.77
N ASP A 72 11.76 0.98 28.05
CA ASP A 72 12.94 1.63 28.64
C ASP A 72 13.95 0.54 29.01
N ASN A 73 15.12 0.56 28.38
CA ASN A 73 16.18 -0.40 28.69
C ASN A 73 17.06 0.01 29.88
N GLY A 74 16.77 1.18 30.47
CA GLY A 74 17.55 1.72 31.56
C GLY A 74 18.50 2.82 31.13
N THR A 75 18.66 2.98 29.81
CA THR A 75 19.50 4.04 29.25
C THR A 75 18.67 4.98 28.36
N TRP A 76 17.91 4.40 27.43
CA TRP A 76 17.02 5.21 26.59
C TRP A 76 15.67 4.54 26.38
N THR A 77 14.72 5.35 25.93
CA THR A 77 13.36 4.90 25.63
C THR A 77 13.19 4.66 24.13
N GLN A 78 12.59 3.52 23.80
CA GLN A 78 12.17 3.21 22.44
C GLN A 78 10.66 3.35 22.35
N LEU A 79 10.19 3.85 21.22
CA LEU A 79 8.76 3.95 20.94
C LEU A 79 8.37 2.83 19.99
N TRP A 80 7.41 2.00 20.42
CA TRP A 80 7.10 0.74 19.75
C TRP A 80 5.71 0.76 19.11
N LEU A 81 5.61 0.15 17.92
CA LEU A 81 4.33 -0.28 17.36
C LEU A 81 4.41 -1.80 17.22
N VAL A 82 3.30 -2.47 17.49
CA VAL A 82 3.24 -3.92 17.41
C VAL A 82 2.05 -4.34 16.53
N SER A 83 2.28 -5.31 15.64
CA SER A 83 1.26 -5.81 14.71
C SER A 83 1.39 -7.30 14.49
N ASP A 84 0.44 -7.85 13.72
CA ASP A 84 0.57 -9.20 13.16
C ASP A 84 1.89 -9.32 12.41
N TYR A 85 2.45 -10.53 12.36
CA TYR A 85 3.65 -10.79 11.59
C TYR A 85 3.33 -11.65 10.37
N HIS A 86 3.84 -11.25 9.20
CA HIS A 86 3.67 -12.01 7.97
C HIS A 86 5.01 -12.45 7.38
N GLU A 87 5.21 -13.76 7.46
CA GLU A 87 6.45 -14.45 7.11
C GLU A 87 6.94 -14.20 5.68
N HIS A 88 6.01 -14.08 4.73
CA HIS A 88 6.35 -13.86 3.31
C HIS A 88 6.92 -12.48 3.03
N GLY A 89 6.68 -11.52 3.93
CA GLY A 89 7.16 -10.16 3.75
C GLY A 89 6.32 -9.39 2.75
N SER A 90 6.95 -8.47 2.03
CA SER A 90 6.22 -7.57 1.15
C SER A 90 5.87 -8.25 -0.18
N LEU A 91 4.88 -7.70 -0.88
CA LEU A 91 4.53 -8.17 -2.22
C LEU A 91 5.71 -8.05 -3.16
N PHE A 92 6.52 -7.00 -2.99
CA PHE A 92 7.77 -6.84 -3.74
C PHE A 92 8.66 -8.07 -3.57
N ASP A 93 8.88 -8.49 -2.32
CA ASP A 93 9.72 -9.67 -2.06
C ASP A 93 9.09 -10.92 -2.67
N TYR A 94 7.78 -11.08 -2.45
CA TYR A 94 7.03 -12.23 -2.93
C TYR A 94 7.12 -12.38 -4.44
N LEU A 95 6.91 -11.29 -5.17
CA LEU A 95 6.95 -11.29 -6.64
C LEU A 95 8.36 -11.48 -7.21
N ASN A 96 9.39 -11.08 -6.46
CA ASN A 96 10.76 -11.39 -6.82
C ASN A 96 11.06 -12.88 -6.68
N ARG A 97 10.52 -13.48 -5.62
CA ARG A 97 10.76 -14.90 -5.33
C ARG A 97 9.95 -15.85 -6.21
N TYR A 98 8.71 -15.49 -6.50
CA TYR A 98 7.76 -16.44 -7.09
C TYR A 98 7.07 -15.93 -8.34
N THR A 99 6.59 -16.87 -9.14
CA THR A 99 5.56 -16.61 -10.14
C THR A 99 4.23 -16.98 -9.50
N VAL A 100 3.13 -16.56 -10.12
CA VAL A 100 1.80 -16.88 -9.61
C VAL A 100 0.95 -17.51 -10.71
N THR A 101 -0.08 -18.24 -10.31
CA THR A 101 -1.09 -18.74 -11.22
C THR A 101 -2.08 -17.62 -11.54
N VAL A 102 -3.00 -17.85 -12.46
CA VAL A 102 -4.08 -16.88 -12.72
C VAL A 102 -4.86 -16.62 -11.43
N GLU A 103 -5.19 -17.71 -10.73
CA GLU A 103 -5.88 -17.62 -9.44
C GLU A 103 -5.06 -16.80 -8.43
N GLY A 104 -3.76 -17.07 -8.34
CA GLY A 104 -2.86 -16.35 -7.45
C GLY A 104 -2.84 -14.85 -7.72
N MET A 105 -2.76 -14.51 -9.01
CA MET A 105 -2.79 -13.11 -9.43
C MET A 105 -4.07 -12.42 -8.99
N ILE A 106 -5.20 -13.08 -9.21
CA ILE A 106 -6.51 -12.51 -8.88
C ILE A 106 -6.64 -12.31 -7.37
N LYS A 107 -6.19 -13.29 -6.59
CA LYS A 107 -6.22 -13.16 -5.13
C LYS A 107 -5.38 -11.96 -4.64
N LEU A 108 -4.17 -11.81 -5.19
CA LEU A 108 -3.28 -10.71 -4.78
C LEU A 108 -3.86 -9.35 -5.16
N ALA A 109 -4.36 -9.25 -6.39
CA ALA A 109 -4.96 -8.00 -6.89
C ALA A 109 -6.26 -7.63 -6.19
N LEU A 110 -7.17 -8.59 -6.08
CA LEU A 110 -8.46 -8.37 -5.43
C LEU A 110 -8.29 -7.97 -3.97
N SER A 111 -7.43 -8.68 -3.25
CA SER A 111 -7.18 -8.38 -1.83
C SER A 111 -6.57 -6.99 -1.65
N THR A 112 -5.68 -6.59 -2.55
CA THR A 112 -5.13 -5.24 -2.53
C THR A 112 -6.22 -4.19 -2.73
N ALA A 113 -7.06 -4.40 -3.75
CA ALA A 113 -8.15 -3.48 -4.06
C ALA A 113 -9.16 -3.38 -2.91
N SER A 114 -9.48 -4.52 -2.29
CA SER A 114 -10.42 -4.56 -1.17
CA SER A 114 -10.42 -4.55 -1.18
C SER A 114 -9.87 -3.78 0.02
N GLY A 115 -8.58 -3.96 0.30
CA GLY A 115 -7.92 -3.20 1.36
C GLY A 115 -7.97 -1.70 1.11
N LEU A 116 -7.67 -1.29 -0.12
CA LEU A 116 -7.71 0.12 -0.48
C LEU A 116 -9.14 0.68 -0.44
N ALA A 117 -10.12 -0.11 -0.88
CA ALA A 117 -11.51 0.32 -0.84
C ALA A 117 -11.96 0.57 0.60
N HIS A 118 -11.50 -0.27 1.53
CA HIS A 118 -11.83 -0.09 2.95
C HIS A 118 -11.24 1.19 3.52
N LEU A 119 -9.94 1.42 3.27
CA LEU A 119 -9.28 2.66 3.65
C LEU A 119 -10.06 3.86 3.12
N HIS A 120 -10.30 3.86 1.81
CA HIS A 120 -10.97 4.97 1.11
C HIS A 120 -12.40 5.25 1.56
N MET A 121 -13.11 4.22 2.02
CA MET A 121 -14.53 4.35 2.29
CA MET A 121 -14.54 4.30 2.31
C MET A 121 -14.84 4.89 3.69
N GLU A 122 -15.62 5.97 3.71
CA GLU A 122 -16.12 6.54 4.94
C GLU A 122 -17.26 5.65 5.45
N ILE A 123 -17.28 5.37 6.75
CA ILE A 123 -18.36 4.62 7.38
C ILE A 123 -19.05 5.54 8.38
N VAL A 124 -20.36 5.71 8.23
CA VAL A 124 -21.13 6.59 9.10
C VAL A 124 -21.38 5.98 10.47
N GLY A 125 -21.85 6.80 11.42
CA GLY A 125 -22.30 6.32 12.73
C GLY A 125 -21.48 6.85 13.90
N THR A 126 -21.81 6.38 15.10
CA THR A 126 -21.10 6.78 16.31
C THR A 126 -19.62 6.38 16.22
N GLN A 127 -19.39 5.19 15.68
CA GLN A 127 -18.04 4.70 15.42
C GLN A 127 -17.64 5.15 14.01
N GLY A 128 -17.63 6.47 13.82
CA GLY A 128 -17.49 7.05 12.49
C GLY A 128 -16.08 6.94 11.94
N LYS A 129 -15.91 6.13 10.90
CA LYS A 129 -14.61 5.98 10.23
C LYS A 129 -14.52 6.97 9.08
N PRO A 130 -13.50 7.85 9.11
CA PRO A 130 -13.32 8.79 8.01
C PRO A 130 -12.76 8.09 6.77
N ALA A 131 -12.87 8.73 5.62
CA ALA A 131 -12.16 8.29 4.43
C ALA A 131 -10.67 8.46 4.71
N ILE A 132 -9.87 7.49 4.25
CA ILE A 132 -8.43 7.53 4.46
C ILE A 132 -7.71 7.31 3.14
N ALA A 133 -6.79 8.21 2.81
CA ALA A 133 -5.89 8.05 1.65
C ALA A 133 -4.49 7.69 2.14
N HIS A 134 -3.83 6.79 1.41
CA HIS A 134 -2.56 6.18 1.85
C HIS A 134 -1.36 7.11 1.57
N ARG A 135 -1.25 7.54 0.31
CA ARG A 135 -0.21 8.46 -0.18
C ARG A 135 1.18 7.87 -0.41
N ASP A 136 1.34 6.58 -0.15
CA ASP A 136 2.59 5.90 -0.48
C ASP A 136 2.39 4.41 -0.78
N LEU A 137 1.36 4.12 -1.57
CA LEU A 137 1.06 2.73 -1.95
C LEU A 137 2.09 2.23 -2.97
N LYS A 138 2.67 1.07 -2.67
CA LYS A 138 3.66 0.43 -3.52
C LYS A 138 3.80 -1.03 -3.10
N SER A 139 4.45 -1.85 -3.93
CA SER A 139 4.57 -3.28 -3.64
C SER A 139 5.37 -3.55 -2.34
N LYS A 140 6.29 -2.66 -1.99
CA LYS A 140 7.07 -2.79 -0.75
C LYS A 140 6.27 -2.48 0.52
N ASN A 141 5.09 -1.86 0.36
CA ASN A 141 4.19 -1.51 1.47
C ASN A 141 2.96 -2.39 1.57
N ILE A 142 2.93 -3.47 0.80
CA ILE A 142 1.85 -4.43 0.85
C ILE A 142 2.48 -5.74 1.31
N LEU A 143 1.87 -6.38 2.31
CA LEU A 143 2.40 -7.63 2.85
C LEU A 143 1.59 -8.79 2.28
N VAL A 144 2.23 -9.94 2.10
CA VAL A 144 1.53 -11.14 1.62
C VAL A 144 1.36 -12.13 2.77
N LYS A 145 0.12 -12.50 3.04
CA LYS A 145 -0.19 -13.45 4.12
C LYS A 145 0.01 -14.89 3.65
N LYS A 146 0.03 -15.81 4.60
CA LYS A 146 0.22 -17.23 4.27
C LYS A 146 -0.87 -17.78 3.34
N ASN A 147 -2.07 -17.22 3.42
CA ASN A 147 -3.18 -17.67 2.56
C ASN A 147 -3.14 -17.10 1.13
N GLY A 148 -2.07 -16.38 0.80
CA GLY A 148 -1.88 -15.88 -0.55
C GLY A 148 -2.63 -14.60 -0.85
N THR A 149 -3.13 -13.93 0.19
CA THR A 149 -3.81 -12.63 0.04
C THR A 149 -2.96 -11.54 0.67
N CYS A 150 -3.21 -10.31 0.23
CA CYS A 150 -2.44 -9.14 0.65
C CYS A 150 -3.10 -8.38 1.79
N CYS A 151 -2.27 -7.64 2.53
CA CYS A 151 -2.77 -6.58 3.41
C CYS A 151 -1.87 -5.34 3.30
N ILE A 152 -2.50 -4.17 3.29
CA ILE A 152 -1.81 -2.90 3.12
C ILE A 152 -1.22 -2.44 4.45
N ALA A 153 0.03 -1.96 4.41
CA ALA A 153 0.72 -1.44 5.59
C ALA A 153 1.33 -0.07 5.26
N ASP A 154 2.18 0.44 6.17
CA ASP A 154 2.84 1.74 6.04
C ASP A 154 1.83 2.88 5.96
N LEU A 155 1.03 3.03 7.01
CA LEU A 155 -0.04 4.02 7.04
C LEU A 155 0.39 5.37 7.64
N GLY A 156 1.69 5.53 7.90
CA GLY A 156 2.19 6.74 8.55
C GLY A 156 2.04 8.04 7.76
N LEU A 157 1.94 7.94 6.43
CA LEU A 157 1.75 9.12 5.60
C LEU A 157 0.28 9.36 5.25
N ALA A 158 -0.61 8.55 5.81
CA ALA A 158 -2.03 8.63 5.45
C ALA A 158 -2.65 9.97 5.87
N VAL A 159 -3.74 10.34 5.20
CA VAL A 159 -4.54 11.51 5.57
C VAL A 159 -6.01 11.09 5.69
N ARG A 160 -6.71 11.69 6.65
CA ARG A 160 -8.09 11.33 6.95
C ARG A 160 -9.02 12.50 6.71
N HIS A 161 -10.22 12.21 6.21
CA HIS A 161 -11.15 13.24 5.76
C HIS A 161 -12.48 13.15 6.50
N ASP A 162 -13.00 14.29 6.91
CA ASP A 162 -14.34 14.38 7.48
C ASP A 162 -15.23 15.02 6.43
N SER A 163 -16.20 14.25 5.92
CA SER A 163 -17.02 14.68 4.79
C SER A 163 -18.03 15.77 5.14
N ALA A 164 -18.54 15.75 6.36
CA ALA A 164 -19.51 16.74 6.82
C ALA A 164 -18.95 18.15 6.76
N THR A 165 -17.75 18.33 7.31
CA THR A 165 -17.09 19.64 7.36
C THR A 165 -16.08 19.81 6.21
N ASP A 166 -15.84 18.76 5.45
CA ASP A 166 -14.90 18.79 4.33
C ASP A 166 -13.51 19.25 4.79
N THR A 167 -12.99 18.61 5.84
CA THR A 167 -11.67 18.94 6.38
C THR A 167 -10.78 17.70 6.46
N ILE A 168 -9.49 17.90 6.19
CA ILE A 168 -8.50 16.84 6.32
C ILE A 168 -7.83 17.03 7.68
N ASP A 169 -7.40 15.94 8.32
CA ASP A 169 -6.96 16.01 9.71
C ASP A 169 -5.56 16.62 9.88
N ILE A 170 -4.76 16.63 8.83
CA ILE A 170 -3.47 17.32 8.86
C ILE A 170 -3.30 18.18 7.61
N ALA A 171 -2.36 19.13 7.68
CA ALA A 171 -2.02 19.97 6.53
C ALA A 171 -1.04 19.21 5.63
N PRO A 172 -1.49 18.78 4.42
CA PRO A 172 -0.62 17.95 3.58
C PRO A 172 0.46 18.75 2.85
N ASN A 173 1.66 18.16 2.79
CA ASN A 173 2.75 18.66 1.95
C ASN A 173 2.71 17.96 0.59
N HIS A 174 3.39 18.54 -0.38
CA HIS A 174 3.50 17.95 -1.73
C HIS A 174 4.54 16.84 -1.75
N ARG A 175 4.33 15.87 -2.63
CA ARG A 175 5.32 14.84 -2.95
C ARG A 175 5.99 14.21 -1.71
N VAL A 176 5.19 13.56 -0.87
CA VAL A 176 5.69 12.94 0.36
C VAL A 176 6.11 11.47 0.17
N GLY A 177 5.58 10.82 -0.86
CA GLY A 177 5.76 9.38 -1.03
C GLY A 177 6.92 8.97 -1.93
N THR A 178 6.82 7.76 -2.47
CA THR A 178 7.87 7.19 -3.30
C THR A 178 7.75 7.75 -4.72
N LYS A 179 8.81 8.39 -5.19
CA LYS A 179 8.78 9.14 -6.45
C LYS A 179 8.31 8.27 -7.63
N ARG A 180 8.82 7.05 -7.71
CA ARG A 180 8.48 6.12 -8.80
C ARG A 180 6.97 5.92 -9.00
N TYR A 181 6.23 5.86 -7.90
CA TYR A 181 4.78 5.57 -7.93
C TYR A 181 3.88 6.82 -7.91
N MET A 182 4.48 8.01 -7.95
CA MET A 182 3.71 9.26 -7.88
C MET A 182 2.91 9.48 -9.16
N ALA A 183 1.64 9.85 -8.99
CA ALA A 183 0.78 10.18 -10.12
C ALA A 183 1.28 11.41 -10.86
N PRO A 184 0.92 11.54 -12.15
CA PRO A 184 1.33 12.71 -12.91
C PRO A 184 1.03 14.04 -12.20
N GLU A 185 -0.19 14.20 -11.69
CA GLU A 185 -0.59 15.42 -10.98
C GLU A 185 0.20 15.64 -9.67
N VAL A 186 0.75 14.56 -9.11
CA VAL A 186 1.62 14.68 -7.95
C VAL A 186 3.01 15.14 -8.41
N LEU A 187 3.53 14.49 -9.46
CA LEU A 187 4.84 14.83 -10.02
C LEU A 187 4.95 16.28 -10.44
N ASP A 188 3.91 16.83 -11.08
CA ASP A 188 3.94 18.21 -11.55
C ASP A 188 3.25 19.22 -10.62
N ASP A 189 2.90 18.78 -9.40
CA ASP A 189 2.34 19.66 -8.35
C ASP A 189 0.97 20.28 -8.66
N SER A 190 0.31 19.80 -9.71
CA SER A 190 -0.99 20.35 -10.11
C SER A 190 -2.15 19.79 -9.28
N ILE A 191 -1.88 18.75 -8.50
CA ILE A 191 -2.90 18.13 -7.64
C ILE A 191 -3.51 19.16 -6.69
N ASN A 192 -4.84 19.14 -6.59
CA ASN A 192 -5.58 20.02 -5.68
C ASN A 192 -5.77 19.33 -4.33
N MET A 193 -4.92 19.69 -3.37
CA MET A 193 -4.91 19.04 -2.07
C MET A 193 -6.02 19.51 -1.11
N LYS A 194 -6.81 20.49 -1.55
CA LYS A 194 -8.04 20.86 -0.85
C LYS A 194 -9.24 20.06 -1.35
N HIS A 195 -8.97 19.10 -2.25
CA HIS A 195 -9.98 18.20 -2.78
C HIS A 195 -9.58 16.77 -2.42
N PHE A 196 -10.22 16.21 -1.40
CA PHE A 196 -9.79 14.92 -0.86
C PHE A 196 -9.83 13.79 -1.90
N GLU A 197 -10.77 13.86 -2.83
CA GLU A 197 -10.83 12.90 -3.93
C GLU A 197 -9.51 12.79 -4.68
N SER A 198 -8.77 13.89 -4.77
CA SER A 198 -7.46 13.89 -5.42
C SER A 198 -6.50 12.87 -4.81
N PHE A 199 -6.49 12.76 -3.48
CA PHE A 199 -5.62 11.80 -2.79
C PHE A 199 -6.01 10.36 -3.11
N LYS A 200 -7.31 10.07 -3.11
CA LYS A 200 -7.81 8.74 -3.48
CA LYS A 200 -7.81 8.74 -3.48
C LYS A 200 -7.40 8.39 -4.91
N ARG A 201 -7.54 9.36 -5.82
CA ARG A 201 -7.19 9.16 -7.24
C ARG A 201 -5.71 8.88 -7.44
N ALA A 202 -4.85 9.51 -6.63
CA ALA A 202 -3.41 9.28 -6.69
C ALA A 202 -3.05 7.88 -6.21
N ASP A 203 -3.75 7.41 -5.18
CA ASP A 203 -3.62 6.04 -4.67
C ASP A 203 -3.95 5.03 -5.77
N ILE A 204 -5.01 5.31 -6.54
CA ILE A 204 -5.48 4.40 -7.59
C ILE A 204 -4.43 4.22 -8.70
N TYR A 205 -3.85 5.33 -9.14
CA TYR A 205 -2.75 5.29 -10.11
C TYR A 205 -1.63 4.36 -9.63
N ALA A 206 -1.23 4.52 -8.37
CA ALA A 206 -0.20 3.68 -7.77
C ALA A 206 -0.61 2.21 -7.71
N MET A 207 -1.86 1.95 -7.34
CA MET A 207 -2.35 0.56 -7.35
C MET A 207 -2.29 -0.07 -8.75
N GLY A 208 -2.56 0.74 -9.77
CA GLY A 208 -2.44 0.30 -11.16
C GLY A 208 -1.04 -0.19 -11.47
N LEU A 209 -0.04 0.56 -11.01
CA LEU A 209 1.37 0.18 -11.16
C LEU A 209 1.67 -1.13 -10.45
N VAL A 210 1.16 -1.27 -9.23
CA VAL A 210 1.30 -2.52 -8.46
C VAL A 210 0.64 -3.71 -9.19
N PHE A 211 -0.54 -3.49 -9.75
CA PHE A 211 -1.23 -4.52 -10.53
C PHE A 211 -0.35 -5.01 -11.68
N TRP A 212 0.32 -4.06 -12.34
CA TRP A 212 1.25 -4.38 -13.43
C TRP A 212 2.40 -5.27 -12.94
N GLU A 213 2.92 -4.99 -11.74
CA GLU A 213 3.99 -5.81 -11.17
C GLU A 213 3.53 -7.25 -10.96
N ILE A 214 2.28 -7.40 -10.49
CA ILE A 214 1.71 -8.72 -10.26
C ILE A 214 1.51 -9.50 -11.56
N ALA A 215 0.86 -8.86 -12.54
CA ALA A 215 0.51 -9.50 -13.81
C ALA A 215 1.71 -10.05 -14.57
N ARG A 216 2.83 -9.32 -14.51
CA ARG A 216 4.09 -9.79 -15.07
C ARG A 216 4.48 -11.18 -14.59
N ARG A 217 4.18 -11.48 -13.34
CA ARG A 217 4.58 -12.74 -12.72
C ARG A 217 3.53 -13.85 -12.83
N CYS A 218 2.42 -13.58 -13.53
CA CYS A 218 1.41 -14.59 -13.78
C CYS A 218 1.89 -15.54 -14.87
N SER A 219 2.15 -16.79 -14.50
CA SER A 219 2.75 -17.77 -15.41
C SER A 219 1.67 -18.72 -15.96
N ILE A 220 1.52 -18.73 -17.28
CA ILE A 220 0.60 -19.60 -17.97
C ILE A 220 1.39 -20.39 -19.02
N GLY A 221 1.32 -21.71 -18.94
CA GLY A 221 2.09 -22.59 -19.83
C GLY A 221 3.59 -22.37 -19.70
N GLY A 222 4.04 -22.00 -18.51
CA GLY A 222 5.45 -21.70 -18.25
C GLY A 222 5.93 -20.34 -18.74
N ILE A 223 5.02 -19.53 -19.28
CA ILE A 223 5.38 -18.24 -19.86
C ILE A 223 5.05 -17.10 -18.90
N HIS A 224 6.06 -16.29 -18.59
CA HIS A 224 5.87 -15.12 -17.73
C HIS A 224 7.03 -14.16 -17.96
N GLU A 225 6.92 -12.98 -17.33
CA GLU A 225 7.98 -11.97 -17.40
C GLU A 225 8.80 -12.00 -16.10
N ASP A 226 10.03 -11.50 -16.17
CA ASP A 226 10.87 -11.35 -14.97
C ASP A 226 10.27 -10.27 -14.10
N TYR A 227 10.58 -10.30 -12.80
CA TYR A 227 10.14 -9.21 -11.93
C TYR A 227 10.81 -7.89 -12.35
N GLN A 228 9.99 -6.84 -12.49
CA GLN A 228 10.50 -5.48 -12.58
C GLN A 228 9.60 -4.51 -11.82
N LEU A 229 10.22 -3.43 -11.32
CA LEU A 229 9.49 -2.28 -10.82
C LEU A 229 8.91 -1.51 -12.00
N PRO A 230 7.78 -0.80 -11.79
CA PRO A 230 7.26 0.02 -12.88
C PRO A 230 8.28 1.06 -13.31
N TYR A 231 8.42 1.26 -14.62
CA TYR A 231 9.36 2.21 -15.22
C TYR A 231 10.85 1.79 -15.11
N TYR A 232 11.10 0.51 -14.80
CA TYR A 232 12.46 -0.05 -14.80
C TYR A 232 13.21 0.26 -16.10
N ASP A 233 12.43 0.33 -17.19
CA ASP A 233 12.94 0.49 -18.56
C ASP A 233 13.19 1.95 -18.96
N LEU A 234 12.86 2.90 -18.09
CA LEU A 234 12.81 4.32 -18.49
C LEU A 234 13.46 5.31 -17.51
N VAL A 235 13.66 4.91 -16.26
CA VAL A 235 14.26 5.80 -15.26
C VAL A 235 15.35 5.07 -14.45
N PRO A 236 16.19 5.82 -13.73
CA PRO A 236 17.19 5.19 -12.86
C PRO A 236 16.57 4.52 -11.63
N SER A 237 17.37 3.70 -10.95
CA SER A 237 16.90 2.89 -9.82
C SER A 237 16.31 3.71 -8.68
N ASP A 238 16.90 4.87 -8.42
CA ASP A 238 16.42 5.79 -7.40
C ASP A 238 16.13 7.12 -8.09
N PRO A 239 14.99 7.18 -8.82
CA PRO A 239 14.75 8.31 -9.72
C PRO A 239 14.31 9.57 -9.00
N SER A 240 14.73 10.72 -9.53
CA SER A 240 14.31 12.02 -9.03
C SER A 240 12.90 12.35 -9.53
N VAL A 241 12.30 13.39 -8.96
CA VAL A 241 10.98 13.84 -9.39
C VAL A 241 11.02 14.33 -10.84
N GLU A 242 12.10 15.02 -11.22
CA GLU A 242 12.26 15.51 -12.59
C GLU A 242 12.40 14.37 -13.60
N GLU A 243 13.10 13.31 -13.23
CA GLU A 243 13.25 12.16 -14.12
C GLU A 243 11.90 11.46 -14.33
N MET A 244 11.14 11.32 -13.25
CA MET A 244 9.79 10.75 -13.33
C MET A 244 8.86 11.62 -14.16
N ARG A 245 8.90 12.93 -13.91
CA ARG A 245 8.04 13.90 -14.59
C ARG A 245 8.25 13.87 -16.10
N LYS A 246 9.50 13.84 -16.54
CA LYS A 246 9.81 13.78 -17.98
C LYS A 246 9.20 12.54 -18.65
N VAL A 247 9.18 11.41 -17.94
CA VAL A 247 8.65 10.17 -18.49
C VAL A 247 7.13 10.15 -18.43
N VAL A 248 6.58 10.42 -17.24
CA VAL A 248 5.17 10.22 -16.97
C VAL A 248 4.28 11.38 -17.46
N CYS A 249 4.74 12.62 -17.30
CA CYS A 249 3.96 13.81 -17.66
C CYS A 249 4.24 14.30 -19.07
N GLU A 250 5.51 14.32 -19.47
CA GLU A 250 5.91 14.92 -20.74
C GLU A 250 5.85 13.92 -21.89
N GLN A 251 6.58 12.82 -21.78
CA GLN A 251 6.53 11.76 -22.80
C GLN A 251 5.24 10.94 -22.70
N LYS A 252 4.60 10.99 -21.53
CA LYS A 252 3.30 10.36 -21.30
C LYS A 252 3.33 8.83 -21.43
N LEU A 253 4.41 8.24 -20.94
CA LEU A 253 4.57 6.79 -21.00
C LEU A 253 4.04 6.15 -19.73
N ARG A 254 3.56 4.92 -19.89
CA ARG A 254 3.15 4.09 -18.78
C ARG A 254 3.88 2.74 -18.94
N PRO A 255 3.84 1.88 -17.91
CA PRO A 255 4.47 0.58 -18.05
C PRO A 255 3.95 -0.20 -19.26
N ASN A 256 4.83 -0.90 -19.96
CA ASN A 256 4.44 -1.63 -21.16
C ASN A 256 3.53 -2.80 -20.83
N ILE A 257 2.45 -2.94 -21.60
CA ILE A 257 1.53 -4.06 -21.47
C ILE A 257 1.78 -5.06 -22.60
N PRO A 258 2.37 -6.24 -22.27
CA PRO A 258 2.64 -7.27 -23.27
C PRO A 258 1.41 -7.71 -24.05
N ASN A 259 1.60 -8.07 -25.32
CA ASN A 259 0.50 -8.60 -26.13
C ASN A 259 0.09 -10.01 -25.71
N ARG A 260 0.97 -10.73 -25.02
CA ARG A 260 0.65 -12.06 -24.49
C ARG A 260 -0.42 -12.02 -23.38
N TRP A 261 -0.71 -10.83 -22.88
CA TRP A 261 -1.79 -10.62 -21.91
C TRP A 261 -3.17 -10.56 -22.59
N GLN A 262 -3.18 -10.31 -23.89
CA GLN A 262 -4.42 -10.33 -24.67
C GLN A 262 -4.99 -11.75 -24.80
N SER A 263 -4.12 -12.75 -24.68
CA SER A 263 -4.48 -14.15 -24.92
C SER A 263 -5.19 -14.84 -23.75
N CYS A 264 -5.41 -14.10 -22.66
CA CYS A 264 -5.97 -14.65 -21.44
C CYS A 264 -6.97 -13.65 -20.84
N GLU A 265 -8.17 -14.12 -20.53
CA GLU A 265 -9.26 -13.26 -20.05
C GLU A 265 -8.91 -12.55 -18.73
N ALA A 266 -8.29 -13.29 -17.80
CA ALA A 266 -7.87 -12.70 -16.53
C ALA A 266 -6.86 -11.57 -16.75
N LEU A 267 -5.86 -11.82 -17.59
CA LEU A 267 -4.83 -10.82 -17.89
C LEU A 267 -5.39 -9.67 -18.74
N ARG A 268 -6.40 -9.98 -19.55
CA ARG A 268 -7.11 -8.97 -20.34
C ARG A 268 -7.86 -8.00 -19.42
N VAL A 269 -8.54 -8.53 -18.40
CA VAL A 269 -9.25 -7.70 -17.42
C VAL A 269 -8.28 -6.84 -16.58
N MET A 270 -7.18 -7.45 -16.13
CA MET A 270 -6.16 -6.74 -15.36
C MET A 270 -5.54 -5.61 -16.17
N ALA A 271 -5.23 -5.89 -17.44
CA ALA A 271 -4.63 -4.90 -18.35
C ALA A 271 -5.55 -3.69 -18.54
N LYS A 272 -6.86 -3.95 -18.66
CA LYS A 272 -7.85 -2.89 -18.79
C LYS A 272 -7.93 -2.04 -17.52
N ILE A 273 -7.92 -2.68 -16.35
CA ILE A 273 -7.93 -1.97 -15.07
C ILE A 273 -6.72 -1.04 -14.98
N MET A 274 -5.54 -1.53 -15.35
CA MET A 274 -4.31 -0.73 -15.33
C MET A 274 -4.45 0.54 -16.18
N ARG A 275 -4.87 0.39 -17.43
CA ARG A 275 -5.08 1.54 -18.31
C ARG A 275 -6.02 2.56 -17.68
N GLU A 276 -7.07 2.07 -17.04
CA GLU A 276 -8.11 2.93 -16.43
C GLU A 276 -7.72 3.45 -15.05
N CYS A 277 -6.55 3.04 -14.55
CA CYS A 277 -5.91 3.65 -13.39
C CYS A 277 -4.87 4.70 -13.81
N TRP A 278 -4.50 4.72 -15.10
CA TRP A 278 -3.28 5.42 -15.55
C TRP A 278 -3.50 6.72 -16.33
N TYR A 279 -4.75 7.12 -16.53
CA TYR A 279 -5.07 8.40 -17.16
C TYR A 279 -4.39 9.55 -16.40
N ALA A 280 -3.92 10.56 -17.13
CA ALA A 280 -3.33 11.74 -16.52
C ALA A 280 -4.33 12.49 -15.63
N ASN A 281 -5.58 12.55 -16.07
CA ASN A 281 -6.65 13.16 -15.30
C ASN A 281 -7.21 12.17 -14.27
N GLY A 282 -6.96 12.43 -12.99
CA GLY A 282 -7.41 11.57 -11.90
C GLY A 282 -8.92 11.31 -11.86
N ALA A 283 -9.70 12.29 -12.31
CA ALA A 283 -11.16 12.16 -12.33
C ALA A 283 -11.65 11.08 -13.30
N ALA A 284 -10.82 10.73 -14.27
CA ALA A 284 -11.15 9.65 -15.21
C ALA A 284 -10.85 8.25 -14.67
N ARG A 285 -10.09 8.16 -13.58
CA ARG A 285 -9.64 6.85 -13.08
C ARG A 285 -10.78 6.09 -12.39
N LEU A 286 -10.64 4.77 -12.36
CA LEU A 286 -11.57 3.93 -11.62
C LEU A 286 -11.47 4.20 -10.13
N THR A 287 -12.52 3.84 -9.40
CA THR A 287 -12.49 3.85 -7.94
C THR A 287 -12.01 2.49 -7.46
N ALA A 288 -11.55 2.44 -6.21
CA ALA A 288 -11.13 1.18 -5.60
C ALA A 288 -12.30 0.20 -5.48
N LEU A 289 -13.48 0.72 -5.16
CA LEU A 289 -14.68 -0.12 -5.05
C LEU A 289 -15.08 -0.75 -6.39
N ARG A 290 -14.99 0.03 -7.46
CA ARG A 290 -15.29 -0.47 -8.80
C ARG A 290 -14.30 -1.58 -9.18
N ILE A 291 -13.02 -1.37 -8.89
CA ILE A 291 -11.99 -2.37 -9.16
C ILE A 291 -12.24 -3.65 -8.36
N LYS A 292 -12.60 -3.50 -7.09
CA LYS A 292 -12.96 -4.63 -6.24
C LYS A 292 -14.15 -5.43 -6.82
N LYS A 293 -15.17 -4.72 -7.30
CA LYS A 293 -16.34 -5.36 -7.88
C LYS A 293 -15.98 -6.16 -9.12
N THR A 294 -15.21 -5.54 -10.00
CA THR A 294 -14.76 -6.18 -11.24
C THR A 294 -13.94 -7.45 -10.97
N LEU A 295 -12.95 -7.35 -10.08
CA LEU A 295 -12.11 -8.51 -9.75
C LEU A 295 -12.88 -9.60 -9.00
N SER A 296 -13.85 -9.20 -8.18
CA SER A 296 -14.74 -10.15 -7.50
C SER A 296 -15.57 -10.91 -8.53
N GLN A 297 -16.06 -10.19 -9.52
CA GLN A 297 -16.81 -10.79 -10.63
C GLN A 297 -15.92 -11.77 -11.40
N LEU A 298 -14.67 -11.38 -11.64
CA LEU A 298 -13.69 -12.25 -12.31
C LEU A 298 -13.33 -13.46 -11.44
N SER A 299 -13.18 -13.24 -10.14
CA SER A 299 -12.84 -14.31 -9.19
C SER A 299 -13.90 -15.40 -9.16
N GLN A 300 -15.17 -15.01 -9.25
CA GLN A 300 -16.27 -15.96 -9.32
C GLN A 300 -16.16 -16.85 -10.57
N GLN A 301 -15.91 -16.22 -11.71
CA GLN A 301 -15.85 -16.92 -13.00
C GLN A 301 -14.69 -17.91 -13.11
N GLU A 302 -13.55 -17.60 -12.50
CA GLU A 302 -12.34 -18.42 -12.64
C GLU A 302 -12.36 -19.67 -11.77
N GLY A 303 -12.59 -19.50 -10.48
CA GLY A 303 -12.62 -20.62 -9.54
C GLY A 303 -12.34 -20.17 -8.11
C1 ZZG B . 10.78 -12.04 6.54
O2 ZZG B . 10.92 -10.83 5.79
C3 ZZG B . 9.98 -9.85 5.97
C4 ZZG B . 8.89 -9.96 6.83
C5 ZZG B . 7.96 -8.93 6.96
N6 ZZG B . 6.89 -9.11 7.86
C7 ZZG B . 6.10 -8.12 8.45
C8 ZZG B . 6.64 -6.86 8.69
C9 ZZG B . 5.84 -5.91 9.29
O10 ZZG B . 6.34 -4.65 9.51
C11 ZZG B . 5.58 -3.72 10.18
C12 ZZG B . 5.37 -3.86 11.53
C13 ZZG B . 4.61 -2.93 12.21
C14 ZZG B . 4.34 -3.08 13.70
C15 ZZG B . 4.12 -1.84 11.46
C16 ZZG B . 3.29 -0.75 12.10
N17 ZZG B . 4.35 -1.69 10.15
C18 ZZG B . 5.07 -2.61 9.51
C19 ZZG B . 5.31 -2.35 8.05
C20 ZZG B . 5.36 -3.39 7.13
C21 ZZG B . 5.62 -3.09 5.80
C22 ZZG B . 5.81 -1.77 5.44
C23 ZZG B . 5.74 -0.80 6.43
N24 ZZG B . 5.52 -1.07 7.71
C25 ZZG B . 4.53 -6.23 9.66
C26 ZZG B . 4.10 -7.52 9.39
N27 ZZG B . 4.85 -8.46 8.82
C28 ZZG B . 8.15 -7.76 6.21
C29 ZZG B . 9.23 -7.64 5.33
O30 ZZG B . 9.42 -6.51 4.59
C31 ZZG B . 8.47 -5.45 4.72
C32 ZZG B . 10.16 -8.68 5.21
O33 ZZG B . 11.22 -8.57 4.34
C34 ZZG B . 12.20 -7.60 4.80
C1 EDO C . 16.44 2.23 18.62
O1 EDO C . 17.08 1.75 19.81
C2 EDO C . 16.21 3.73 18.73
O2 EDO C . 17.46 4.43 18.72
#